data_3ELY
#
_entry.id   3ELY
#
_cell.length_a   49.715
_cell.length_b   66.436
_cell.length_c   91.055
_cell.angle_alpha   90.00
_cell.angle_beta   90.00
_cell.angle_gamma   90.00
#
_symmetry.space_group_name_H-M   'P 21 21 21'
#
loop_
_entity.id
_entity.type
_entity.pdbx_description
1 polymer Methyltransferase
2 non-polymer 'SULFATE ION'
3 non-polymer S-ADENOSYL-L-HOMOCYSTEINE
4 non-polymer DI(HYDROXYETHYL)ETHER
5 water water
#
_entity_poly.entity_id   1
_entity_poly.type   'polypeptide(L)'
_entity_poly.pdbx_seq_one_letter_code
;MKHHHHHHGKAAGVTLGEVWKRQLNMLGKQEFERYKVSDITEVDRTAARRYLKEGRTDVGISVSRGAAKIRWLHERGYLR
ITGRVLDLGCGRGGWSYYAAAQKEVMSVKGYTLGIEGHEKPIHMQTLGWNIVKFKDKSNVFTMPTEPSDTLLCDIGESSS
NPLVERDRTMKVLENFERWKHVNTENFCVKVLAPYHPDVIEKLERLQLRFGGGIVRVPFSRNSTHEMYYISGARNNITHM
VNTTSRSLLRRMTRPSGKAIIEGDVFLPTGTRSVASEAGTIDHEALKLRVDQIKAEYSKT
;
_entity_poly.pdbx_strand_id   A
#
loop_
_chem_comp.id
_chem_comp.type
_chem_comp.name
_chem_comp.formula
PEG non-polymer DI(HYDROXYETHYL)ETHER 'C4 H10 O3'
SO4 non-polymer 'SULFATE ION' 'O4 S -2'
#
# COMPACT_ATOMS: atom_id res chain seq x y z
N VAL A 14 17.87 14.56 -11.57
CA VAL A 14 18.32 15.82 -10.91
C VAL A 14 18.18 15.73 -9.37
N THR A 15 17.03 15.25 -8.92
CA THR A 15 16.79 15.03 -7.49
C THR A 15 17.57 13.80 -6.99
N LEU A 16 17.77 13.73 -5.67
CA LEU A 16 18.46 12.61 -5.04
C LEU A 16 17.80 11.25 -5.31
N GLY A 17 16.47 11.25 -5.41
CA GLY A 17 15.71 10.02 -5.67
C GLY A 17 15.98 9.45 -7.05
N GLU A 18 16.09 10.36 -8.03
CA GLU A 18 16.42 10.00 -9.40
C GLU A 18 17.85 9.43 -9.52
N VAL A 19 18.77 9.97 -8.74
CA VAL A 19 20.11 9.40 -8.59
C VAL A 19 20.05 7.97 -8.00
N TRP A 20 19.21 7.76 -6.98
CA TRP A 20 18.98 6.43 -6.40
C TRP A 20 18.51 5.43 -7.47
N LYS A 21 17.59 5.87 -8.32
CA LYS A 21 17.00 5.03 -9.36
C LYS A 21 18.01 4.58 -10.41
N ARG A 22 18.88 5.51 -10.81
CA ARG A 22 19.91 5.24 -11.80
C ARG A 22 20.98 4.29 -11.26
N GLN A 23 21.28 4.38 -9.98
CA GLN A 23 22.24 3.52 -9.32
C GLN A 23 21.72 2.11 -9.05
N LEU A 24 20.42 2.01 -8.80
CA LEU A 24 19.74 0.72 -8.59
C LEU A 24 19.73 -0.09 -9.88
N ASN A 25 19.52 0.59 -11.00
CA ASN A 25 19.51 -0.02 -12.33
C ASN A 25 20.91 -0.40 -12.82
N MET A 26 21.92 -0.21 -11.97
CA MET A 26 23.30 -0.54 -12.30
C MET A 26 23.86 -1.68 -11.45
N LEU A 27 23.05 -2.17 -10.51
CA LEU A 27 23.47 -3.27 -9.65
C LEU A 27 23.32 -4.61 -10.35
N GLY A 28 24.26 -5.51 -10.09
CA GLY A 28 24.18 -6.90 -10.55
C GLY A 28 23.25 -7.71 -9.66
N LYS A 29 22.90 -8.91 -10.09
CA LYS A 29 21.96 -9.76 -9.34
C LYS A 29 22.25 -9.84 -7.84
N GLN A 30 23.47 -10.25 -7.49
CA GLN A 30 23.87 -10.42 -6.09
C GLN A 30 23.79 -9.12 -5.31
N GLU A 31 24.28 -8.04 -5.94
CA GLU A 31 24.24 -6.72 -5.32
C GLU A 31 22.80 -6.28 -5.10
N PHE A 32 21.94 -6.60 -6.06
CA PHE A 32 20.54 -6.23 -6.02
C PHE A 32 19.79 -6.96 -4.91
N GLU A 33 19.96 -8.28 -4.85
CA GLU A 33 19.29 -9.13 -3.86
C GLU A 33 19.73 -8.81 -2.44
N ARG A 34 21.02 -8.55 -2.26
CA ARG A 34 21.57 -8.16 -0.97
C ARG A 34 21.07 -6.78 -0.53
N TYR A 35 21.09 -5.82 -1.45
CA TYR A 35 20.58 -4.45 -1.19
C TYR A 35 19.09 -4.37 -0.85
N LYS A 36 18.25 -5.12 -1.57
CA LYS A 36 16.80 -4.95 -1.47
C LYS A 36 16.17 -5.33 -0.12
N VAL A 37 16.87 -6.14 0.66
CA VAL A 37 16.41 -6.54 2.00
C VAL A 37 17.19 -5.89 3.16
N SER A 38 18.20 -5.10 2.82
CA SER A 38 19.10 -4.52 3.82
C SER A 38 18.37 -3.63 4.82
N ASP A 39 18.28 -4.08 6.06
CA ASP A 39 17.71 -3.31 7.19
C ASP A 39 16.21 -2.99 7.07
N ILE A 40 15.50 -3.66 6.17
CA ILE A 40 14.05 -3.51 6.06
C ILE A 40 13.35 -4.40 7.10
N THR A 41 12.02 -4.29 7.17
CA THR A 41 11.22 -5.20 7.97
C THR A 41 10.40 -6.13 7.07
N GLU A 42 10.25 -7.37 7.52
CA GLU A 42 9.60 -8.42 6.77
C GLU A 42 8.68 -9.21 7.70
N VAL A 43 7.52 -9.60 7.21
CA VAL A 43 6.66 -10.54 7.94
C VAL A 43 7.01 -11.97 7.56
N ASP A 44 6.96 -12.86 8.55
CA ASP A 44 7.09 -14.30 8.34
C ASP A 44 5.81 -14.80 7.67
N ARG A 45 5.90 -15.14 6.39
CA ARG A 45 4.72 -15.58 5.61
C ARG A 45 4.54 -17.10 5.56
N THR A 46 5.40 -17.83 6.26
CA THR A 46 5.44 -19.30 6.18
C THR A 46 4.09 -19.98 6.50
N ALA A 47 3.48 -19.62 7.63
CA ALA A 47 2.16 -20.14 8.01
C ALA A 47 1.07 -19.88 6.96
N ALA A 48 0.99 -18.64 6.47
CA ALA A 48 -0.04 -18.23 5.51
C ALA A 48 0.12 -18.91 4.15
N ARG A 49 1.37 -19.06 3.69
CA ARG A 49 1.64 -19.78 2.44
C ARG A 49 1.18 -21.24 2.52
N ARG A 50 1.47 -21.87 3.67
CA ARG A 50 1.02 -23.22 3.97
C ARG A 50 -0.50 -23.38 3.75
N TYR A 51 -1.29 -22.54 4.42
CA TYR A 51 -2.74 -22.68 4.37
C TYR A 51 -3.38 -22.23 3.06
N LEU A 52 -2.76 -21.27 2.39
CA LEU A 52 -3.23 -20.80 1.08
C LEU A 52 -3.09 -21.88 0.00
N LYS A 53 -1.99 -22.62 0.04
CA LYS A 53 -1.78 -23.78 -0.83
C LYS A 53 -2.83 -24.87 -0.57
N GLU A 54 -3.00 -25.25 0.71
CA GLU A 54 -4.03 -26.22 1.11
C GLU A 54 -5.42 -25.83 0.60
N GLY A 55 -5.75 -24.54 0.74
CA GLY A 55 -7.04 -24.03 0.33
C GLY A 55 -7.99 -23.87 1.51
N ARG A 56 -7.42 -23.64 2.69
CA ARG A 56 -8.20 -23.52 3.92
C ARG A 56 -8.80 -22.12 4.09
N THR A 57 -10.10 -22.08 4.39
CA THR A 57 -10.80 -20.81 4.60
C THR A 57 -11.28 -20.61 6.04
N ASP A 58 -10.85 -21.50 6.93
CA ASP A 58 -11.29 -21.45 8.33
C ASP A 58 -10.13 -21.15 9.26
N VAL A 59 -9.00 -20.75 8.69
CA VAL A 59 -7.87 -20.26 9.47
C VAL A 59 -7.62 -18.78 9.23
N GLY A 60 -7.18 -18.08 10.27
CA GLY A 60 -7.21 -16.62 10.28
C GLY A 60 -5.92 -16.02 9.74
N ILE A 61 -5.61 -16.34 8.50
CA ILE A 61 -4.40 -15.80 7.85
C ILE A 61 -4.73 -14.63 6.90
N SER A 62 -3.71 -13.82 6.58
CA SER A 62 -3.83 -12.79 5.55
C SER A 62 -3.51 -13.37 4.18
N VAL A 63 -4.33 -13.00 3.20
CA VAL A 63 -4.15 -13.46 1.82
C VAL A 63 -2.96 -12.80 1.10
N SER A 64 -2.35 -11.78 1.70
CA SER A 64 -1.20 -11.11 1.09
C SER A 64 -0.16 -10.60 2.08
N ARG A 65 1.05 -10.38 1.56
CA ARG A 65 2.12 -9.69 2.26
C ARG A 65 1.79 -8.21 2.50
N GLY A 66 0.91 -7.65 1.68
CA GLY A 66 0.59 -6.22 1.69
C GLY A 66 -0.15 -5.74 2.92
N ALA A 67 -0.89 -6.65 3.55
CA ALA A 67 -1.61 -6.39 4.80
C ALA A 67 -0.74 -5.84 5.93
N ALA A 68 0.52 -6.26 5.94
CA ALA A 68 1.51 -5.78 6.90
C ALA A 68 1.70 -4.25 6.83
N LYS A 69 1.55 -3.68 5.64
CA LYS A 69 1.74 -2.24 5.45
C LYS A 69 0.62 -1.42 6.10
N ILE A 70 -0.62 -1.83 5.88
CA ILE A 70 -1.78 -1.15 6.45
C ILE A 70 -1.93 -1.38 7.97
N ARG A 71 -1.58 -2.57 8.44
CA ARG A 71 -1.47 -2.79 9.89
C ARG A 71 -0.52 -1.78 10.50
N TRP A 72 0.69 -1.66 9.95
CA TRP A 72 1.70 -0.72 10.45
C TRP A 72 1.19 0.73 10.53
N LEU A 73 0.63 1.22 9.41
CA LEU A 73 0.02 2.55 9.30
C LEU A 73 -1.13 2.74 10.29
N HIS A 74 -1.98 1.71 10.43
CA HIS A 74 -3.13 1.76 11.32
C HIS A 74 -2.70 1.82 12.79
N GLU A 75 -1.85 0.88 13.19
CA GLU A 75 -1.39 0.79 14.58
C GLU A 75 -0.54 1.98 15.06
N ARG A 76 0.18 2.60 14.13
CA ARG A 76 1.03 3.77 14.43
C ARG A 76 0.25 5.10 14.44
N GLY A 77 -1.02 5.06 14.00
CA GLY A 77 -1.86 6.26 13.99
C GLY A 77 -1.75 7.16 12.77
N TYR A 78 -1.23 6.64 11.66
CA TYR A 78 -1.13 7.44 10.43
C TYR A 78 -2.44 7.48 9.69
N LEU A 79 -3.34 6.56 10.05
CA LEU A 79 -4.71 6.58 9.52
C LEU A 79 -5.73 5.89 10.43
N ARG A 80 -6.97 6.37 10.40
CA ARG A 80 -8.09 5.71 11.07
C ARG A 80 -8.84 4.90 10.02
N ILE A 81 -9.44 3.78 10.44
CA ILE A 81 -10.18 2.90 9.53
C ILE A 81 -11.58 2.70 10.09
N THR A 82 -12.58 3.07 9.30
CA THR A 82 -13.87 3.52 9.85
C THR A 82 -14.99 3.58 8.81
N GLY A 83 -16.21 3.23 9.23
CA GLY A 83 -17.41 3.44 8.42
C GLY A 83 -17.43 2.61 7.15
N ARG A 84 -17.70 3.27 6.03
CA ARG A 84 -17.74 2.62 4.72
C ARG A 84 -16.34 2.69 4.10
N VAL A 85 -15.77 1.52 3.83
CA VAL A 85 -14.40 1.42 3.35
C VAL A 85 -14.36 1.04 1.87
N LEU A 86 -13.62 1.82 1.07
CA LEU A 86 -13.37 1.47 -0.32
C LEU A 86 -11.92 1.05 -0.50
N ASP A 87 -11.73 -0.11 -1.11
CA ASP A 87 -10.39 -0.59 -1.41
C ASP A 87 -10.20 -0.65 -2.93
N LEU A 88 -9.46 0.33 -3.45
CA LEU A 88 -9.23 0.47 -4.89
C LEU A 88 -7.94 -0.22 -5.32
N GLY A 89 -8.08 -1.18 -6.24
CA GLY A 89 -6.98 -2.09 -6.59
C GLY A 89 -6.72 -3.03 -5.43
N CYS A 90 -7.72 -3.85 -5.09
CA CYS A 90 -7.67 -4.66 -3.86
C CYS A 90 -6.81 -5.92 -3.99
N GLY A 91 -6.60 -6.36 -5.23
CA GLY A 91 -5.83 -7.56 -5.51
C GLY A 91 -6.45 -8.76 -4.81
N ARG A 92 -5.63 -9.52 -4.08
CA ARG A 92 -6.10 -10.68 -3.32
C ARG A 92 -7.07 -10.30 -2.20
N GLY A 93 -6.91 -9.09 -1.65
CA GLY A 93 -7.83 -8.56 -0.65
C GLY A 93 -7.31 -8.41 0.78
N GLY A 94 -6.00 -8.37 0.95
CA GLY A 94 -5.37 -8.25 2.29
C GLY A 94 -5.69 -6.97 3.06
N TRP A 95 -5.84 -5.87 2.34
CA TRP A 95 -6.26 -4.60 2.94
C TRP A 95 -7.76 -4.64 3.30
N SER A 96 -8.57 -5.29 2.45
CA SER A 96 -10.03 -5.43 2.66
C SER A 96 -10.39 -6.27 3.89
N TYR A 97 -9.79 -7.45 4.00
CA TYR A 97 -9.99 -8.31 5.17
C TYR A 97 -9.48 -7.68 6.47
N TYR A 98 -8.36 -6.96 6.41
CA TYR A 98 -7.85 -6.30 7.62
C TYR A 98 -8.88 -5.27 8.09
N ALA A 99 -9.35 -4.44 7.17
CA ALA A 99 -10.36 -3.43 7.46
C ALA A 99 -11.62 -4.04 8.07
N ALA A 100 -12.11 -5.13 7.49
CA ALA A 100 -13.37 -5.76 7.90
C ALA A 100 -13.37 -6.29 9.34
N ALA A 101 -12.18 -6.55 9.88
CA ALA A 101 -12.02 -7.06 11.26
C ALA A 101 -12.03 -5.95 12.31
N GLN A 102 -12.08 -4.70 11.86
CA GLN A 102 -12.02 -3.54 12.74
C GLN A 102 -13.43 -3.19 13.19
N LYS A 103 -13.59 -2.94 14.49
CA LYS A 103 -14.92 -2.76 15.06
C LYS A 103 -15.61 -1.45 14.69
N GLU A 104 -14.86 -0.43 14.28
CA GLU A 104 -15.47 0.83 13.82
C GLU A 104 -15.91 0.80 12.34
N VAL A 105 -15.61 -0.32 11.68
CA VAL A 105 -15.90 -0.53 10.26
C VAL A 105 -17.31 -1.11 10.05
N MET A 106 -18.04 -0.51 9.11
CA MET A 106 -19.43 -0.86 8.82
C MET A 106 -19.53 -1.80 7.63
N SER A 107 -18.84 -1.46 6.55
CA SER A 107 -18.84 -2.25 5.33
C SER A 107 -17.55 -2.03 4.54
N VAL A 108 -17.19 -2.99 3.70
CA VAL A 108 -15.97 -2.91 2.90
C VAL A 108 -16.27 -3.30 1.45
N LYS A 109 -15.88 -2.45 0.51
CA LYS A 109 -16.07 -2.74 -0.90
C LYS A 109 -14.73 -2.71 -1.64
N GLY A 110 -14.35 -3.83 -2.25
CA GLY A 110 -13.08 -3.96 -2.94
C GLY A 110 -13.19 -4.06 -4.45
N TYR A 111 -12.48 -3.18 -5.15
CA TYR A 111 -12.42 -3.16 -6.61
C TYR A 111 -11.01 -3.45 -7.12
N THR A 112 -10.92 -4.29 -8.15
CA THR A 112 -9.63 -4.66 -8.75
C THR A 112 -9.82 -5.13 -10.20
N LEU A 113 -8.74 -5.13 -10.98
CA LEU A 113 -8.79 -5.55 -12.39
C LEU A 113 -9.06 -7.04 -12.56
N GLY A 114 -8.17 -7.88 -12.01
CA GLY A 114 -8.34 -9.32 -12.07
C GLY A 114 -8.30 -9.92 -13.47
N ILE A 115 -7.67 -9.21 -14.41
CA ILE A 115 -7.51 -9.66 -15.79
C ILE A 115 -6.19 -10.39 -15.95
N GLU A 116 -5.82 -10.71 -17.19
CA GLU A 116 -4.59 -11.44 -17.51
C GLU A 116 -3.32 -10.86 -16.86
N GLY A 117 -2.76 -11.62 -15.92
CA GLY A 117 -1.58 -11.20 -15.17
C GLY A 117 -1.87 -10.51 -13.84
N HIS A 118 -3.12 -10.10 -13.63
CA HIS A 118 -3.51 -9.38 -12.41
C HIS A 118 -4.24 -10.30 -11.43
N GLU A 119 -3.90 -10.18 -10.15
CA GLU A 119 -4.46 -11.06 -9.12
C GLU A 119 -5.94 -10.81 -8.83
N LYS A 120 -6.65 -11.89 -8.49
CA LYS A 120 -8.09 -11.87 -8.19
C LYS A 120 -8.34 -11.90 -6.68
N PRO A 121 -9.52 -11.43 -6.24
CA PRO A 121 -9.91 -11.58 -4.83
C PRO A 121 -9.92 -13.05 -4.38
N ILE A 122 -9.38 -13.29 -3.19
CA ILE A 122 -9.42 -14.62 -2.58
C ILE A 122 -10.52 -14.64 -1.51
N HIS A 123 -11.34 -15.68 -1.54
CA HIS A 123 -12.43 -15.87 -0.57
C HIS A 123 -11.91 -16.47 0.73
N MET A 124 -12.10 -15.75 1.84
CA MET A 124 -11.61 -16.14 3.16
C MET A 124 -12.71 -15.83 4.19
N GLN A 125 -12.65 -16.45 5.37
CA GLN A 125 -13.69 -16.23 6.38
C GLN A 125 -13.18 -15.62 7.70
N THR A 126 -12.15 -14.78 7.59
CA THR A 126 -11.66 -14.02 8.73
C THR A 126 -12.76 -13.04 9.21
N LEU A 127 -12.57 -12.49 10.40
CA LEU A 127 -13.62 -11.70 11.06
C LEU A 127 -14.20 -10.60 10.16
N GLY A 128 -15.53 -10.58 10.09
CA GLY A 128 -16.25 -9.60 9.29
C GLY A 128 -16.31 -9.91 7.81
N TRP A 129 -15.96 -11.14 7.40
CA TRP A 129 -16.07 -11.53 5.97
C TRP A 129 -17.46 -11.27 5.39
N ASN A 130 -18.48 -11.35 6.24
CA ASN A 130 -19.89 -11.17 5.82
C ASN A 130 -20.24 -9.74 5.40
N ILE A 131 -19.36 -8.79 5.70
CA ILE A 131 -19.60 -7.39 5.31
C ILE A 131 -18.58 -6.91 4.27
N VAL A 132 -17.86 -7.85 3.68
CA VAL A 132 -16.93 -7.58 2.58
C VAL A 132 -17.60 -7.97 1.25
N LYS A 133 -17.54 -7.07 0.27
CA LYS A 133 -17.93 -7.43 -1.10
C LYS A 133 -16.82 -7.08 -2.08
N PHE A 134 -16.58 -7.98 -3.04
CA PHE A 134 -15.53 -7.80 -4.03
C PHE A 134 -16.11 -7.70 -5.43
N LYS A 135 -15.45 -6.93 -6.29
CA LYS A 135 -15.73 -6.93 -7.74
C LYS A 135 -14.44 -6.89 -8.54
N ASP A 136 -14.21 -7.90 -9.37
CA ASP A 136 -13.10 -7.85 -10.33
C ASP A 136 -13.63 -7.36 -11.68
N LYS A 137 -12.80 -7.42 -12.72
CA LYS A 137 -13.13 -6.83 -14.02
C LYS A 137 -13.55 -5.36 -13.86
N SER A 138 -12.87 -4.64 -12.98
CA SER A 138 -13.20 -3.25 -12.66
C SER A 138 -11.97 -2.35 -12.73
N ASN A 139 -12.03 -1.35 -13.60
CA ASN A 139 -10.97 -0.37 -13.74
C ASN A 139 -11.30 0.87 -12.92
N VAL A 140 -10.57 1.08 -11.82
CA VAL A 140 -10.90 2.18 -10.89
C VAL A 140 -10.69 3.57 -11.50
N PHE A 141 -9.88 3.63 -12.56
CA PHE A 141 -9.57 4.88 -13.26
C PHE A 141 -10.76 5.41 -14.08
N THR A 142 -11.60 4.49 -14.57
CA THR A 142 -12.71 4.88 -15.44
C THR A 142 -14.11 4.67 -14.85
N MET A 143 -14.26 3.69 -13.96
CA MET A 143 -15.57 3.37 -13.38
C MET A 143 -16.18 4.56 -12.60
N PRO A 144 -17.51 4.54 -12.39
CA PRO A 144 -18.15 5.59 -11.59
C PRO A 144 -17.66 5.51 -10.16
N THR A 145 -17.55 6.65 -9.50
CA THR A 145 -17.11 6.68 -8.10
C THR A 145 -18.31 6.51 -7.17
N GLU A 146 -18.02 6.13 -5.91
CA GLU A 146 -19.04 6.06 -4.86
C GLU A 146 -18.48 6.59 -3.53
N PRO A 147 -19.36 7.14 -2.66
CA PRO A 147 -18.90 7.73 -1.39
C PRO A 147 -18.27 6.75 -0.42
N SER A 148 -17.43 7.27 0.48
CA SER A 148 -16.74 6.47 1.50
C SER A 148 -16.33 7.35 2.68
N ASP A 149 -16.14 6.71 3.84
CA ASP A 149 -15.58 7.38 5.01
C ASP A 149 -14.09 7.12 5.06
N THR A 150 -13.68 6.01 4.45
CA THR A 150 -12.28 5.57 4.41
C THR A 150 -11.97 5.08 2.98
N LEU A 151 -11.02 5.76 2.33
CA LEU A 151 -10.65 5.44 0.96
C LEU A 151 -9.21 4.95 0.87
N LEU A 152 -9.07 3.70 0.43
CA LEU A 152 -7.77 3.04 0.33
C LEU A 152 -7.44 2.77 -1.13
N CYS A 153 -6.18 2.92 -1.49
CA CYS A 153 -5.72 2.63 -2.84
C CYS A 153 -4.25 2.24 -2.86
N ASP A 154 -3.98 0.98 -3.16
CA ASP A 154 -2.61 0.46 -3.16
C ASP A 154 -2.15 0.12 -4.59
N ILE A 155 -2.31 1.09 -5.49
CA ILE A 155 -2.00 0.86 -6.90
C ILE A 155 -0.71 1.56 -7.30
N GLY A 156 0.09 0.88 -8.13
CA GLY A 156 1.36 1.43 -8.59
C GLY A 156 2.37 0.34 -8.89
N GLU A 157 2.39 -0.11 -10.14
CA GLU A 157 3.29 -1.16 -10.60
C GLU A 157 4.69 -0.61 -10.91
N SER A 158 5.71 -1.19 -10.27
CA SER A 158 7.12 -0.83 -10.51
C SER A 158 7.55 -0.92 -11.97
N SER A 159 8.59 -0.15 -12.30
CA SER A 159 9.24 -0.22 -13.61
C SER A 159 10.68 0.27 -13.50
N SER A 160 11.55 -0.29 -14.33
CA SER A 160 12.95 0.18 -14.42
C SER A 160 13.03 1.54 -15.13
N ASN A 161 11.99 1.89 -15.86
CA ASN A 161 11.87 3.20 -16.51
C ASN A 161 11.21 4.23 -15.56
N PRO A 162 11.96 5.27 -15.15
CA PRO A 162 11.39 6.29 -14.25
C PRO A 162 10.19 7.07 -14.82
N LEU A 163 10.21 7.32 -16.13
CA LEU A 163 9.10 8.03 -16.80
C LEU A 163 7.81 7.22 -16.80
N VAL A 164 7.94 5.90 -16.87
CA VAL A 164 6.82 4.97 -16.67
C VAL A 164 6.31 5.04 -15.23
N GLU A 165 7.22 5.14 -14.26
CA GLU A 165 6.81 5.19 -12.86
C GLU A 165 6.10 6.50 -12.52
N ARG A 166 6.61 7.61 -13.05
CA ARG A 166 5.98 8.91 -12.78
C ARG A 166 4.60 9.03 -13.41
N ASP A 167 4.41 8.44 -14.58
CA ASP A 167 3.11 8.40 -15.25
C ASP A 167 2.06 7.58 -14.50
N ARG A 168 2.48 6.43 -13.98
CA ARG A 168 1.61 5.56 -13.20
C ARG A 168 1.22 6.23 -11.87
N THR A 169 2.20 6.88 -11.23
CA THR A 169 1.96 7.60 -9.99
C THR A 169 0.97 8.74 -10.16
N MET A 170 1.19 9.58 -11.16
CA MET A 170 0.32 10.74 -11.43
C MET A 170 -1.11 10.30 -11.65
N LYS A 171 -1.28 9.22 -12.42
CA LYS A 171 -2.60 8.70 -12.75
C LYS A 171 -3.35 8.21 -11.50
N VAL A 172 -2.61 7.58 -10.58
CA VAL A 172 -3.17 7.15 -9.28
C VAL A 172 -3.66 8.34 -8.47
N LEU A 173 -2.84 9.39 -8.40
CA LEU A 173 -3.16 10.61 -7.64
C LEU A 173 -4.35 11.41 -8.21
N GLU A 174 -4.44 11.44 -9.55
CA GLU A 174 -5.53 12.08 -10.27
C GLU A 174 -6.87 11.37 -10.04
N ASN A 175 -6.82 10.04 -9.98
CA ASN A 175 -8.01 9.23 -9.69
C ASN A 175 -8.44 9.28 -8.22
N PHE A 176 -7.47 9.41 -7.32
CA PHE A 176 -7.77 9.54 -5.88
C PHE A 176 -8.58 10.81 -5.59
N GLU A 177 -8.17 11.91 -6.21
CA GLU A 177 -8.85 13.20 -6.12
C GLU A 177 -10.30 13.10 -6.64
N ARG A 178 -10.48 12.37 -7.73
CA ARG A 178 -11.78 12.09 -8.32
C ARG A 178 -12.68 11.24 -7.38
N TRP A 179 -12.06 10.34 -6.62
CA TRP A 179 -12.81 9.45 -5.73
C TRP A 179 -13.13 10.07 -4.37
N LYS A 180 -12.26 10.96 -3.88
CA LYS A 180 -12.44 11.50 -2.53
C LYS A 180 -13.73 12.31 -2.34
N HIS A 181 -14.53 11.87 -1.37
CA HIS A 181 -15.80 12.46 -0.98
C HIS A 181 -15.54 13.42 0.19
N VAL A 182 -16.52 14.27 0.51
CA VAL A 182 -16.43 15.15 1.67
C VAL A 182 -16.47 14.37 2.99
N ASN A 183 -17.18 13.25 3.00
CA ASN A 183 -17.23 12.32 4.13
C ASN A 183 -15.94 11.53 4.30
N THR A 184 -15.11 11.47 3.26
CA THR A 184 -13.83 10.74 3.29
C THR A 184 -12.82 11.49 4.14
N GLU A 185 -12.88 11.28 5.45
CA GLU A 185 -11.93 11.88 6.37
C GLU A 185 -10.63 11.09 6.43
N ASN A 186 -10.73 9.79 6.17
CA ASN A 186 -9.58 8.90 6.24
C ASN A 186 -9.20 8.39 4.86
N PHE A 187 -7.90 8.37 4.57
CA PHE A 187 -7.40 7.88 3.28
C PHE A 187 -5.97 7.35 3.36
N CYS A 188 -5.66 6.43 2.45
CA CYS A 188 -4.31 5.87 2.31
C CYS A 188 -4.05 5.50 0.86
N VAL A 189 -3.16 6.27 0.23
CA VAL A 189 -2.86 6.14 -1.20
C VAL A 189 -1.39 5.91 -1.46
N LYS A 190 -1.09 4.82 -2.17
CA LYS A 190 0.27 4.53 -2.61
C LYS A 190 0.80 5.60 -3.55
N VAL A 191 2.02 6.04 -3.30
CA VAL A 191 2.74 6.90 -4.23
C VAL A 191 4.00 6.14 -4.66
N LEU A 192 3.97 5.56 -5.86
CA LEU A 192 5.04 4.66 -6.32
C LEU A 192 6.40 5.36 -6.49
N ALA A 193 6.38 6.53 -7.12
CA ALA A 193 7.59 7.26 -7.41
C ALA A 193 7.51 8.70 -6.89
N PRO A 194 7.69 8.89 -5.57
CA PRO A 194 7.50 10.22 -4.97
C PRO A 194 8.66 11.20 -5.25
N TYR A 195 9.74 10.70 -5.83
CA TYR A 195 10.94 11.50 -6.13
C TYR A 195 10.77 12.49 -7.30
N HIS A 196 9.82 12.24 -8.19
CA HIS A 196 9.61 13.10 -9.37
C HIS A 196 8.98 14.45 -9.01
N PRO A 197 9.57 15.54 -9.53
CA PRO A 197 9.08 16.92 -9.31
C PRO A 197 7.60 17.10 -9.64
N ASP A 198 7.13 16.49 -10.72
CA ASP A 198 5.71 16.51 -11.08
C ASP A 198 4.85 15.92 -9.96
N VAL A 199 5.29 14.77 -9.43
CA VAL A 199 4.60 14.07 -8.36
C VAL A 199 4.61 14.86 -7.04
N ILE A 200 5.74 15.50 -6.73
CA ILE A 200 5.84 16.40 -5.57
C ILE A 200 4.82 17.55 -5.66
N GLU A 201 4.77 18.18 -6.83
CA GLU A 201 3.84 19.28 -7.10
C GLU A 201 2.36 18.83 -6.99
N LYS A 202 2.08 17.61 -7.45
CA LYS A 202 0.71 17.08 -7.35
C LYS A 202 0.32 16.79 -5.90
N LEU A 203 1.25 16.22 -5.14
CA LEU A 203 1.08 15.96 -3.72
C LEU A 203 0.87 17.24 -2.90
N GLU A 204 1.69 18.26 -3.16
CA GLU A 204 1.57 19.55 -2.47
C GLU A 204 0.20 20.19 -2.69
N ARG A 205 -0.27 20.12 -3.93
CA ARG A 205 -1.59 20.62 -4.29
C ARG A 205 -2.75 19.85 -3.61
N LEU A 206 -2.65 18.52 -3.57
CA LEU A 206 -3.65 17.69 -2.86
C LEU A 206 -3.70 18.01 -1.36
N GLN A 207 -2.51 18.19 -0.78
CA GLN A 207 -2.35 18.51 0.64
C GLN A 207 -2.99 19.86 1.01
N LEU A 208 -2.94 20.83 0.10
CA LEU A 208 -3.54 22.13 0.31
C LEU A 208 -5.05 21.97 0.55
N ARG A 209 -5.67 21.06 -0.20
CA ARG A 209 -7.09 20.78 -0.12
C ARG A 209 -7.46 19.81 1.01
N PHE A 210 -6.71 18.69 1.13
CA PHE A 210 -7.09 17.58 2.00
C PHE A 210 -6.31 17.41 3.30
N GLY A 211 -5.21 18.15 3.44
CA GLY A 211 -4.31 17.93 4.57
C GLY A 211 -3.51 16.64 4.43
N GLY A 212 -3.11 16.07 5.56
CA GLY A 212 -2.39 14.81 5.55
C GLY A 212 -0.91 14.94 5.24
N GLY A 213 -0.24 13.80 5.14
CA GLY A 213 1.19 13.76 4.88
C GLY A 213 1.63 12.48 4.21
N ILE A 214 2.90 12.42 3.82
CA ILE A 214 3.47 11.26 3.14
C ILE A 214 4.46 10.54 4.08
N VAL A 215 4.44 9.21 4.06
CA VAL A 215 5.27 8.39 4.97
C VAL A 215 5.90 7.17 4.28
N ARG A 216 7.09 6.77 4.74
CA ARG A 216 7.75 5.53 4.31
C ARG A 216 7.41 4.38 5.26
N VAL A 217 6.81 3.31 4.70
CA VAL A 217 6.49 2.10 5.47
C VAL A 217 7.69 1.14 5.43
N PRO A 218 8.18 0.72 6.61
CA PRO A 218 9.43 -0.06 6.70
C PRO A 218 9.37 -1.44 6.06
N PHE A 219 8.18 -1.85 5.61
CA PHE A 219 8.00 -3.15 4.98
C PHE A 219 8.30 -3.09 3.48
N SER A 220 8.42 -1.88 2.95
CA SER A 220 8.81 -1.70 1.55
C SER A 220 10.27 -2.09 1.33
N ARG A 221 10.53 -2.84 0.27
CA ARG A 221 11.91 -3.20 -0.09
C ARG A 221 12.69 -1.98 -0.58
N ASN A 222 14.01 -1.97 -0.35
CA ASN A 222 14.92 -0.91 -0.80
C ASN A 222 14.94 -0.71 -2.32
N SER A 223 14.39 -1.67 -3.07
CA SER A 223 14.36 -1.63 -4.52
C SER A 223 13.18 -0.84 -5.08
N THR A 224 12.34 -0.32 -4.18
CA THR A 224 11.29 0.65 -4.54
C THR A 224 11.34 1.88 -3.63
N HIS A 225 11.00 3.03 -4.21
CA HIS A 225 10.97 4.29 -3.50
C HIS A 225 9.56 4.63 -3.00
N GLU A 226 8.64 3.67 -3.12
CA GLU A 226 7.23 3.89 -2.75
C GLU A 226 7.05 4.50 -1.35
N MET A 227 6.08 5.41 -1.23
CA MET A 227 5.67 6.00 0.03
C MET A 227 4.15 6.10 0.03
N TYR A 228 3.55 6.39 1.19
CA TYR A 228 2.08 6.45 1.30
C TYR A 228 1.54 7.79 1.74
N TYR A 229 0.61 8.32 0.95
CA TYR A 229 -0.09 9.57 1.30
C TYR A 229 -1.26 9.24 2.23
N ILE A 230 -1.11 9.67 3.49
CA ILE A 230 -2.05 9.30 4.56
C ILE A 230 -2.70 10.51 5.25
N SER A 231 -3.78 10.27 5.98
CA SER A 231 -4.62 11.36 6.49
C SER A 231 -4.36 11.76 7.96
N GLY A 232 -3.66 10.91 8.69
CA GLY A 232 -3.48 11.12 10.13
C GLY A 232 -2.17 11.72 10.59
N ALA A 233 -1.43 12.33 9.66
CA ALA A 233 -0.19 13.05 9.99
C ALA A 233 0.00 14.25 9.08
N ARG A 234 0.67 15.29 9.60
CA ARG A 234 1.07 16.45 8.80
C ARG A 234 2.59 16.59 8.74
N ASN A 235 3.11 16.83 7.54
CA ASN A 235 4.54 16.97 7.32
C ASN A 235 4.86 17.66 5.99
N ASN A 236 6.15 17.98 5.80
CA ASN A 236 6.66 18.62 4.58
C ASN A 236 6.97 17.53 3.56
N ILE A 237 6.23 17.53 2.45
CA ILE A 237 6.34 16.50 1.40
C ILE A 237 7.78 16.39 0.91
N THR A 238 8.35 17.49 0.43
CA THR A 238 9.70 17.53 -0.15
C THR A 238 10.77 17.01 0.82
N HIS A 239 10.67 17.40 2.09
CA HIS A 239 11.60 16.98 3.13
C HIS A 239 11.47 15.49 3.45
N MET A 240 10.25 14.98 3.40
CA MET A 240 10.00 13.56 3.72
C MET A 240 10.48 12.66 2.58
N VAL A 241 10.29 13.09 1.34
CA VAL A 241 10.78 12.35 0.17
C VAL A 241 12.32 12.27 0.15
N ASN A 242 12.98 13.39 0.41
CA ASN A 242 14.45 13.44 0.39
C ASN A 242 15.11 12.70 1.55
N THR A 243 14.41 12.66 2.70
CA THR A 243 14.89 11.93 3.87
C THR A 243 14.91 10.43 3.57
N THR A 244 13.91 9.98 2.82
CA THR A 244 13.87 8.59 2.35
C THR A 244 14.92 8.33 1.25
N SER A 245 15.08 9.26 0.31
CA SER A 245 16.11 9.15 -0.73
C SER A 245 17.51 8.98 -0.14
N ARG A 246 17.85 9.84 0.83
CA ARG A 246 19.12 9.79 1.57
C ARG A 246 19.29 8.45 2.30
N SER A 247 18.23 7.99 2.95
CA SER A 247 18.20 6.68 3.60
C SER A 247 18.46 5.52 2.62
N LEU A 248 17.76 5.54 1.47
CA LEU A 248 17.94 4.51 0.45
C LEU A 248 19.35 4.53 -0.16
N LEU A 249 19.93 5.73 -0.27
CA LEU A 249 21.29 5.91 -0.77
C LEU A 249 22.35 5.45 0.23
N ARG A 250 22.12 5.72 1.52
CA ARG A 250 23.01 5.33 2.60
C ARG A 250 23.13 3.80 2.74
N ARG A 251 22.00 3.12 2.56
CA ARG A 251 21.94 1.66 2.61
C ARG A 251 22.64 1.01 1.41
N MET A 252 22.57 1.68 0.25
CA MET A 252 23.24 1.19 -0.95
C MET A 252 24.77 1.20 -0.82
N THR A 253 25.31 2.24 -0.17
CA THR A 253 26.76 2.34 0.05
C THR A 253 27.27 1.26 0.99
N ARG A 254 26.48 0.96 2.02
CA ARG A 254 26.85 -0.02 3.05
C ARG A 254 25.71 -1.04 3.32
N PRO A 255 25.42 -1.93 2.34
CA PRO A 255 24.31 -2.87 2.51
C PRO A 255 24.57 -3.97 3.54
N SER A 256 23.65 -4.12 4.49
CA SER A 256 23.80 -5.10 5.56
C SER A 256 23.41 -6.50 5.09
N GLY A 257 22.49 -6.59 4.13
CA GLY A 257 22.04 -7.87 3.62
C GLY A 257 21.05 -8.60 4.53
N LYS A 258 20.76 -7.99 5.69
CA LYS A 258 19.93 -8.62 6.73
C LYS A 258 18.66 -7.82 7.10
N ALA A 259 17.52 -8.49 7.02
CA ALA A 259 16.22 -7.89 7.33
C ALA A 259 15.75 -8.23 8.75
N ILE A 260 14.90 -7.36 9.29
CA ILE A 260 14.19 -7.62 10.54
C ILE A 260 12.93 -8.45 10.26
N ILE A 261 12.77 -9.57 10.97
CA ILE A 261 11.60 -10.44 10.82
C ILE A 261 10.57 -10.16 11.92
N GLU A 262 9.31 -10.01 11.52
CA GLU A 262 8.19 -9.77 12.44
C GLU A 262 7.13 -10.82 12.18
N GLY A 263 6.29 -11.04 13.18
CA GLY A 263 5.14 -11.93 13.04
C GLY A 263 4.10 -11.37 12.11
N ASP A 264 3.44 -12.28 11.38
CA ASP A 264 2.52 -11.94 10.29
C ASP A 264 1.18 -11.40 10.80
N VAL A 265 0.37 -10.87 9.87
CA VAL A 265 -0.95 -10.38 10.21
C VAL A 265 -1.89 -11.57 10.38
N PHE A 266 -2.30 -11.82 11.63
N PHE A 266 -2.28 -11.83 11.64
CA PHE A 266 -3.22 -12.91 11.94
CA PHE A 266 -3.21 -12.92 11.95
C PHE A 266 -4.52 -12.34 12.51
C PHE A 266 -4.52 -12.33 12.50
N LEU A 267 -5.65 -12.88 12.05
CA LEU A 267 -6.97 -12.35 12.39
C LEU A 267 -7.88 -13.42 13.02
N PRO A 268 -8.87 -12.99 13.83
CA PRO A 268 -9.90 -13.96 14.20
C PRO A 268 -10.82 -14.29 13.03
N THR A 269 -11.64 -15.32 13.19
CA THR A 269 -12.62 -15.68 12.17
C THR A 269 -14.02 -15.41 12.72
N GLY A 270 -14.99 -15.33 11.81
CA GLY A 270 -16.38 -15.17 12.19
C GLY A 270 -17.13 -14.07 11.47
N THR A 271 -18.42 -13.98 11.76
CA THR A 271 -19.24 -12.92 11.21
C THR A 271 -19.28 -11.78 12.22
N ARG A 272 -19.65 -10.60 11.75
CA ARG A 272 -19.87 -9.45 12.61
C ARG A 272 -21.30 -8.94 12.49
N SER A 273 -21.84 -8.48 13.61
CA SER A 273 -23.13 -7.80 13.62
C SER A 273 -22.88 -6.29 13.51
N VAL A 274 -23.58 -5.66 12.55
CA VAL A 274 -23.51 -4.21 12.29
C VAL A 274 -22.08 -3.67 12.14
S SO4 B . 2.61 -13.91 -0.34
O1 SO4 B . 3.48 -13.74 0.83
O2 SO4 B . 1.41 -14.60 0.06
O3 SO4 B . 2.27 -12.59 -0.89
O4 SO4 B . 3.30 -14.71 -1.34
S SO4 C . 2.49 -6.11 -1.79
O1 SO4 C . 3.32 -5.99 -0.59
O2 SO4 C . 1.71 -7.34 -1.73
O3 SO4 C . 1.59 -4.96 -1.87
O4 SO4 C . 3.36 -6.10 -2.97
S SO4 D . -16.11 -12.87 0.79
O1 SO4 D . -15.15 -13.01 1.88
O2 SO4 D . -17.31 -13.65 1.12
O3 SO4 D . -16.48 -11.47 0.61
O4 SO4 D . -15.53 -13.38 -0.45
S SO4 E . -8.16 -20.25 -0.30
O1 SO4 E . -8.33 -20.82 1.02
O2 SO4 E . -9.35 -19.49 -0.66
O3 SO4 E . -6.99 -19.38 -0.29
O4 SO4 E . -7.94 -21.31 -1.29
S SO4 F . 21.16 -3.99 -15.28
O1 SO4 F . 21.79 -5.29 -15.02
O2 SO4 F . 20.21 -3.66 -14.21
O3 SO4 F . 22.20 -2.97 -15.34
O4 SO4 F . 20.45 -4.02 -16.56
N SAH G . -3.19 -3.92 -0.84
CA SAH G . -3.42 -5.17 -1.61
CB SAH G . -2.39 -5.24 -2.74
CG SAH G . -3.04 -4.66 -3.99
SD SAH G . -1.97 -4.86 -5.36
C SAH G . -3.36 -6.40 -0.75
O SAH G . -2.98 -6.34 0.42
OXT SAH G . -3.69 -7.50 -1.21
C5' SAH G . -2.52 -3.60 -6.46
C4' SAH G . -3.62 -4.15 -7.38
O4' SAH G . -4.21 -3.09 -8.12
C3' SAH G . -3.12 -5.16 -8.40
O3' SAH G . -3.76 -6.42 -8.13
C2' SAH G . -3.58 -4.65 -9.75
O2' SAH G . -4.19 -5.69 -10.51
C1' SAH G . -4.65 -3.64 -9.36
N9 SAH G . -4.85 -2.53 -10.33
C8 SAH G . -3.91 -1.87 -11.02
N7 SAH G . -4.50 -0.91 -11.78
C5 SAH G . -5.83 -0.99 -11.54
C6 SAH G . -6.93 -0.29 -12.02
N6 SAH G . -6.77 0.71 -12.92
N1 SAH G . -8.17 -0.61 -11.58
C2 SAH G . -8.34 -1.61 -10.69
N3 SAH G . -7.30 -2.29 -10.23
C4 SAH G . -6.05 -2.01 -10.63
C1 PEG H . -0.18 2.47 -11.75
O1 PEG H . -1.29 3.17 -12.35
C2 PEG H . -0.14 0.97 -12.06
O2 PEG H . -0.42 0.73 -13.44
C3 PEG H . -1.70 0.15 -13.66
C4 PEG H . -1.56 -1.16 -14.42
O4 PEG H . -0.63 -2.02 -13.74
#